data_3NHM
#
_entry.id   3NHM
#
_cell.length_a   56.616
_cell.length_b   40.408
_cell.length_c   99.617
_cell.angle_alpha   90.00
_cell.angle_beta   102.28
_cell.angle_gamma   90.00
#
_symmetry.space_group_name_H-M   'C 1 2 1'
#
loop_
_entity.id
_entity.type
_entity.pdbx_description
1 polymer 'Response regulator'
2 water water
#
_entity_poly.entity_id   1
_entity_poly.type   'polypeptide(L)'
_entity_poly.pdbx_seq_one_letter_code
;(MSE)SLKPKVLIVENSWT(MSE)RETLRLLLSGEFDCTTAADGASGLQQALAHPPDVLISDVN(MSE)DG(MSE)DGYA
LCGHFRSEPTLKHIPVIFVSGYAPRTEGPADQPVPDAYLVKPVKPPVLIAQLHALLARAEAEGHHHHHH
;
_entity_poly.pdbx_strand_id   A,B
#
# COMPACT_ATOMS: atom_id res chain seq x y z
N PRO A 5 -6.84 1.99 12.76
CA PRO A 5 -5.37 2.10 12.93
C PRO A 5 -5.01 3.43 13.59
N LYS A 6 -4.08 3.39 14.54
CA LYS A 6 -3.64 4.59 15.25
C LYS A 6 -2.53 5.30 14.51
N VAL A 7 -2.77 6.55 14.13
CA VAL A 7 -1.78 7.33 13.41
C VAL A 7 -1.30 8.49 14.27
N LEU A 8 0.01 8.61 14.43
CA LEU A 8 0.60 9.71 15.18
C LEU A 8 1.15 10.77 14.21
N ILE A 9 0.63 11.99 14.31
CA ILE A 9 1.06 13.10 13.43
C ILE A 9 1.88 14.14 14.17
N VAL A 10 3.16 14.21 13.79
CA VAL A 10 4.09 15.17 14.38
C VAL A 10 4.38 16.22 13.33
N GLU A 11 4.09 17.47 13.68
CA GLU A 11 4.26 18.61 12.76
C GLU A 11 4.18 19.91 13.55
N ASN A 12 5.11 20.83 13.27
CA ASN A 12 5.19 22.12 13.96
C ASN A 12 4.02 23.06 13.69
N SER A 13 3.49 23.03 12.49
CA SER A 13 2.37 23.91 12.14
C SER A 13 1.06 23.38 12.68
N TRP A 14 0.45 24.14 13.58
CA TRP A 14 -0.82 23.70 14.16
C TRP A 14 -1.91 23.61 13.09
N THR A 15 -1.90 24.54 12.13
CA THR A 15 -2.91 24.51 11.08
C THR A 15 -2.77 23.26 10.20
N MSE A 16 -1.53 22.88 9.92
CA MSE A 16 -1.24 21.71 9.11
C MSE A 16 -1.53 20.43 9.90
O MSE A 16 -2.13 19.49 9.38
CB MSE A 16 0.23 21.73 8.67
CG MSE A 16 0.71 20.49 7.88
SE MSE A 16 -0.20 20.13 6.18
CE MSE A 16 0.55 21.61 5.09
N ARG A 17 -1.12 20.42 11.16
CA ARG A 17 -1.33 19.28 12.05
C ARG A 17 -2.83 18.99 12.14
N GLU A 18 -3.60 20.05 12.29
CA GLU A 18 -5.03 19.97 12.41
C GLU A 18 -5.67 19.49 11.09
N THR A 19 -5.07 19.91 9.98
CA THR A 19 -5.56 19.52 8.66
C THR A 19 -5.46 18.02 8.42
N LEU A 20 -4.30 17.44 8.71
CA LEU A 20 -4.12 16.01 8.51
C LEU A 20 -5.01 15.22 9.45
N ARG A 21 -5.06 15.64 10.71
CA ARG A 21 -5.88 14.96 11.71
C ARG A 21 -7.33 14.84 11.25
N LEU A 22 -7.93 15.96 10.88
CA LEU A 22 -9.32 15.96 10.42
C LEU A 22 -9.51 15.18 9.12
N LEU A 23 -8.56 15.31 8.19
CA LEU A 23 -8.67 14.59 6.93
C LEU A 23 -8.56 13.08 7.08
N LEU A 24 -7.75 12.64 8.06
CA LEU A 24 -7.53 11.21 8.31
C LEU A 24 -8.49 10.58 9.32
N SER A 25 -9.20 11.41 10.07
CA SER A 25 -10.13 10.94 11.09
C SER A 25 -11.19 9.97 10.58
N GLY A 26 -11.38 9.95 9.27
CA GLY A 26 -12.38 9.07 8.70
C GLY A 26 -12.10 7.60 8.96
N GLU A 27 -10.92 7.15 8.54
CA GLU A 27 -10.55 5.76 8.72
C GLU A 27 -9.36 5.56 9.63
N PHE A 28 -8.94 6.61 10.32
CA PHE A 28 -7.81 6.49 11.23
C PHE A 28 -8.03 7.18 12.56
N ASP A 29 -7.44 6.62 13.61
CA ASP A 29 -7.52 7.15 14.96
C ASP A 29 -6.25 7.99 15.12
N CYS A 30 -6.38 9.29 14.85
CA CYS A 30 -5.24 10.19 14.88
C CYS A 30 -4.86 10.87 16.19
N THR A 31 -3.57 10.84 16.48
CA THR A 31 -2.99 11.46 17.66
C THR A 31 -2.14 12.58 17.05
N THR A 32 -2.01 13.70 17.75
CA THR A 32 -1.26 14.82 17.20
C THR A 32 -0.25 15.42 18.20
N ALA A 33 0.91 15.80 17.70
CA ALA A 33 1.99 16.38 18.52
C ALA A 33 2.74 17.49 17.76
N ALA A 34 3.04 18.58 18.45
CA ALA A 34 3.72 19.75 17.90
C ALA A 34 5.23 19.61 17.60
N ASP A 35 5.88 18.61 18.15
CA ASP A 35 7.30 18.42 17.87
C ASP A 35 7.73 16.99 18.17
N GLY A 36 8.93 16.64 17.73
CA GLY A 36 9.44 15.30 17.93
C GLY A 36 9.44 14.86 19.37
N ALA A 37 10.01 15.68 20.24
CA ALA A 37 10.11 15.37 21.67
C ALA A 37 8.76 14.95 22.24
N SER A 38 7.75 15.77 22.00
CA SER A 38 6.39 15.48 22.45
C SER A 38 5.85 14.23 21.77
N GLY A 39 6.13 14.11 20.48
CA GLY A 39 5.67 12.96 19.73
C GLY A 39 6.23 11.67 20.27
N LEU A 40 7.53 11.68 20.58
CA LEU A 40 8.19 10.50 21.11
C LEU A 40 7.60 10.10 22.48
N GLN A 41 7.32 11.09 23.32
CA GLN A 41 6.75 10.80 24.63
C GLN A 41 5.41 10.08 24.48
N GLN A 42 4.54 10.63 23.64
CA GLN A 42 3.23 10.02 23.42
C GLN A 42 3.37 8.63 22.81
N ALA A 43 4.31 8.47 21.87
CA ALA A 43 4.52 7.18 21.23
C ALA A 43 4.89 6.10 22.24
N LEU A 44 5.91 6.35 23.05
CA LEU A 44 6.35 5.37 24.03
C LEU A 44 5.19 4.95 24.95
N ALA A 45 4.39 5.93 25.38
CA ALA A 45 3.25 5.66 26.26
C ALA A 45 2.21 4.77 25.58
N HIS A 46 1.88 5.08 24.33
CA HIS A 46 0.93 4.29 23.56
C HIS A 46 1.44 4.25 22.12
N PRO A 47 2.23 3.22 21.78
CA PRO A 47 2.78 3.09 20.44
C PRO A 47 1.72 3.11 19.36
N PRO A 48 1.86 4.01 18.37
CA PRO A 48 0.89 4.10 17.28
C PRO A 48 1.20 3.03 16.24
N ASP A 49 0.30 2.84 15.28
CA ASP A 49 0.49 1.85 14.23
C ASP A 49 1.34 2.43 13.11
N VAL A 50 1.37 3.75 13.03
CA VAL A 50 2.16 4.42 12.01
C VAL A 50 2.39 5.86 12.37
N LEU A 51 3.57 6.35 12.01
CA LEU A 51 3.95 7.71 12.30
C LEU A 51 4.05 8.57 11.07
N ILE A 52 3.53 9.79 11.18
CA ILE A 52 3.60 10.77 10.12
C ILE A 52 4.38 11.94 10.71
N SER A 53 5.49 12.30 10.07
CA SER A 53 6.30 13.38 10.58
C SER A 53 6.87 14.29 9.54
N ASP A 54 7.13 15.51 9.96
CA ASP A 54 7.75 16.50 9.11
C ASP A 54 9.25 16.26 9.28
N VAL A 55 10.06 16.81 8.38
CA VAL A 55 11.51 16.62 8.44
C VAL A 55 12.20 17.82 9.07
N ASN A 56 12.10 18.98 8.43
CA ASN A 56 12.72 20.19 8.95
C ASN A 56 11.86 20.82 10.02
N MSE A 57 12.11 20.50 11.27
CA MSE A 57 11.32 21.08 12.34
C MSE A 57 12.16 22.01 13.23
O MSE A 57 13.39 22.06 13.10
CB MSE A 57 10.67 19.97 13.18
CG MSE A 57 9.61 19.16 12.45
SE MSE A 57 8.71 17.93 13.63
CE MSE A 57 10.10 16.54 13.65
N ASP A 58 11.47 22.73 14.09
CA ASP A 58 12.11 23.68 14.99
C ASP A 58 13.20 23.06 15.84
N GLY A 59 12.85 21.98 16.53
CA GLY A 59 13.82 21.31 17.37
C GLY A 59 14.33 20.05 16.70
N MSE A 60 14.10 18.91 17.33
CA MSE A 60 14.52 17.62 16.81
C MSE A 60 13.96 17.48 15.40
O MSE A 60 12.79 17.74 15.19
CB MSE A 60 13.97 16.53 17.73
CG MSE A 60 14.34 15.11 17.42
SE MSE A 60 13.12 13.94 18.35
CE MSE A 60 13.90 14.15 20.14
N ASP A 61 14.81 17.09 14.45
CA ASP A 61 14.37 16.92 13.06
C ASP A 61 13.78 15.52 12.82
N GLY A 62 13.10 15.38 11.69
CA GLY A 62 12.49 14.12 11.32
C GLY A 62 13.38 12.88 11.44
N TYR A 63 14.58 12.93 10.87
CA TYR A 63 15.46 11.78 10.96
C TYR A 63 15.84 11.40 12.40
N ALA A 64 16.04 12.39 13.26
CA ALA A 64 16.36 12.09 14.67
C ALA A 64 15.14 11.44 15.32
N LEU A 65 13.95 11.91 14.97
CA LEU A 65 12.74 11.34 15.53
C LEU A 65 12.63 9.90 15.06
N CYS A 66 12.89 9.71 13.77
CA CYS A 66 12.86 8.37 13.20
C CYS A 66 13.94 7.53 13.89
N GLY A 67 15.09 8.14 14.10
CA GLY A 67 16.20 7.47 14.76
C GLY A 67 15.81 6.94 16.13
N HIS A 68 15.08 7.74 16.91
CA HIS A 68 14.64 7.29 18.23
C HIS A 68 13.70 6.10 18.06
N PHE A 69 12.79 6.21 17.11
CA PHE A 69 11.83 5.14 16.85
C PHE A 69 12.51 3.81 16.53
N ARG A 70 13.50 3.86 15.65
CA ARG A 70 14.23 2.68 15.24
C ARG A 70 15.01 2.08 16.41
N SER A 71 15.43 2.92 17.34
CA SER A 71 16.21 2.47 18.49
C SER A 71 15.36 1.92 19.64
N GLU A 72 14.14 2.42 19.79
CA GLU A 72 13.24 1.97 20.85
C GLU A 72 12.62 0.63 20.49
N PRO A 73 12.91 -0.41 21.28
CA PRO A 73 12.39 -1.76 21.04
C PRO A 73 10.87 -1.75 20.83
N THR A 74 10.20 -0.81 21.50
CA THR A 74 8.75 -0.70 21.44
C THR A 74 8.19 0.04 20.22
N LEU A 75 9.05 0.71 19.46
CA LEU A 75 8.57 1.47 18.31
C LEU A 75 9.32 1.11 17.03
N LYS A 76 10.37 0.30 17.20
CA LYS A 76 11.23 -0.11 16.10
C LYS A 76 10.48 -0.59 14.85
N HIS A 77 9.36 -1.27 15.06
CA HIS A 77 8.53 -1.82 14.00
C HIS A 77 7.58 -0.82 13.33
N ILE A 78 7.30 0.27 14.02
CA ILE A 78 6.37 1.25 13.48
C ILE A 78 6.83 1.92 12.20
N PRO A 79 6.06 1.74 11.11
CA PRO A 79 6.39 2.34 9.82
C PRO A 79 6.31 3.86 9.96
N VAL A 80 7.18 4.56 9.27
CA VAL A 80 7.23 6.02 9.35
C VAL A 80 7.08 6.67 7.99
N ILE A 81 6.30 7.74 7.94
CA ILE A 81 6.07 8.49 6.71
C ILE A 81 6.53 9.93 6.94
N PHE A 82 7.37 10.42 6.05
CA PHE A 82 7.86 11.79 6.15
C PHE A 82 7.07 12.68 5.20
N VAL A 83 6.67 13.85 5.69
CA VAL A 83 5.95 14.82 4.88
C VAL A 83 6.75 16.11 5.00
N SER A 84 7.39 16.52 3.91
CA SER A 84 8.21 17.71 3.89
C SER A 84 8.04 18.59 2.66
N GLY A 85 8.58 19.81 2.73
CA GLY A 85 8.50 20.74 1.62
C GLY A 85 9.63 20.46 0.66
N TYR A 86 10.65 19.75 1.15
CA TYR A 86 11.80 19.40 0.34
C TYR A 86 11.81 17.90 0.04
N ALA A 87 12.24 17.55 -1.16
CA ALA A 87 12.29 16.14 -1.58
C ALA A 87 13.34 15.43 -0.73
N PRO A 93 23.38 7.41 4.30
CA PRO A 93 24.27 6.48 5.01
C PRO A 93 23.52 5.27 5.56
N ALA A 94 24.14 4.10 5.40
CA ALA A 94 23.57 2.83 5.83
C ALA A 94 23.31 2.70 7.32
N ASP A 95 24.06 3.42 8.15
CA ASP A 95 23.86 3.32 9.59
C ASP A 95 22.79 4.27 10.11
N GLN A 96 22.33 5.20 9.27
CA GLN A 96 21.30 6.15 9.69
C GLN A 96 19.89 5.69 9.35
N PRO A 97 18.89 6.18 10.10
CA PRO A 97 17.49 5.84 9.88
C PRO A 97 16.91 6.44 8.62
N VAL A 98 15.95 5.75 8.02
CA VAL A 98 15.31 6.23 6.82
C VAL A 98 13.82 5.96 6.93
N PRO A 99 12.98 6.87 6.41
CA PRO A 99 11.53 6.68 6.47
C PRO A 99 11.13 5.55 5.53
N ASP A 100 9.94 4.99 5.77
CA ASP A 100 9.41 3.90 4.97
C ASP A 100 8.72 4.45 3.72
N ALA A 101 8.35 5.72 3.79
CA ALA A 101 7.70 6.44 2.70
C ALA A 101 7.99 7.92 2.90
N TYR A 102 7.97 8.67 1.81
CA TYR A 102 8.27 10.09 1.87
C TYR A 102 7.39 10.84 0.88
N LEU A 103 6.61 11.79 1.38
CA LEU A 103 5.74 12.59 0.53
C LEU A 103 6.12 14.05 0.61
N VAL A 104 6.15 14.71 -0.54
CA VAL A 104 6.50 16.11 -0.61
C VAL A 104 5.26 17.01 -0.67
N LYS A 105 5.17 17.96 0.24
CA LYS A 105 4.04 18.88 0.29
C LYS A 105 4.02 19.68 -1.02
N PRO A 106 2.83 20.05 -1.52
CA PRO A 106 1.50 19.78 -0.96
C PRO A 106 1.14 18.32 -1.14
N VAL A 107 0.66 17.70 -0.07
CA VAL A 107 0.28 16.29 -0.17
C VAL A 107 -1.18 16.08 -0.54
N LYS A 108 -1.39 15.28 -1.58
CA LYS A 108 -2.74 14.96 -2.04
C LYS A 108 -3.34 13.99 -1.03
N PRO A 109 -4.40 14.42 -0.32
CA PRO A 109 -5.05 13.56 0.68
C PRO A 109 -5.24 12.10 0.28
N PRO A 110 -5.76 11.84 -0.93
CA PRO A 110 -5.96 10.45 -1.35
C PRO A 110 -4.66 9.66 -1.39
N VAL A 111 -3.59 10.30 -1.84
CA VAL A 111 -2.31 9.61 -1.92
C VAL A 111 -1.83 9.23 -0.52
N LEU A 112 -1.93 10.18 0.40
CA LEU A 112 -1.50 9.94 1.77
C LEU A 112 -2.24 8.73 2.37
N ILE A 113 -3.57 8.74 2.25
CA ILE A 113 -4.40 7.66 2.77
C ILE A 113 -3.91 6.33 2.24
N ALA A 114 -3.78 6.23 0.92
CA ALA A 114 -3.32 5.00 0.29
C ALA A 114 -1.96 4.57 0.84
N GLN A 115 -1.08 5.54 1.05
CA GLN A 115 0.25 5.24 1.58
C GLN A 115 0.15 4.61 2.97
N LEU A 116 -0.69 5.22 3.82
CA LEU A 116 -0.88 4.71 5.17
C LEU A 116 -1.31 3.25 5.14
N HIS A 117 -2.32 2.95 4.32
CA HIS A 117 -2.82 1.60 4.20
C HIS A 117 -1.76 0.62 3.71
N ALA A 118 -0.97 1.05 2.74
CA ALA A 118 0.08 0.18 2.22
C ALA A 118 1.08 -0.13 3.34
N LEU A 119 1.61 0.92 3.98
CA LEU A 119 2.58 0.73 5.06
C LEU A 119 2.01 -0.10 6.19
N LEU A 120 0.80 0.24 6.62
CA LEU A 120 0.16 -0.48 7.71
C LEU A 120 -0.02 -1.94 7.33
N ALA A 121 -0.30 -2.20 6.05
CA ALA A 121 -0.48 -3.57 5.59
C ALA A 121 0.87 -4.30 5.56
N ARG A 122 1.91 -3.62 5.09
CA ARG A 122 3.23 -4.24 5.02
C ARG A 122 3.74 -4.61 6.42
N ALA A 123 3.75 -3.62 7.33
CA ALA A 123 4.21 -3.86 8.70
C ALA A 123 3.53 -5.10 9.27
N GLU A 124 2.27 -5.32 8.91
CA GLU A 124 1.50 -6.46 9.40
C GLU A 124 1.87 -7.75 8.67
N PRO B 5 -11.89 -0.86 -2.89
CA PRO B 5 -11.13 -1.05 -4.14
C PRO B 5 -11.59 -2.35 -4.80
N LYS B 6 -11.84 -2.31 -6.11
CA LYS B 6 -12.29 -3.50 -6.80
C LYS B 6 -11.09 -4.33 -7.24
N VAL B 7 -11.10 -5.60 -6.85
CA VAL B 7 -10.02 -6.52 -7.19
C VAL B 7 -10.57 -7.68 -8.00
N LEU B 8 -9.98 -7.93 -9.17
CA LEU B 8 -10.39 -9.03 -10.03
C LEU B 8 -9.39 -10.18 -9.91
N ILE B 9 -9.88 -11.35 -9.48
CA ILE B 9 -9.03 -12.53 -9.31
C ILE B 9 -9.31 -13.61 -10.35
N VAL B 10 -8.30 -13.86 -11.18
CA VAL B 10 -8.36 -14.88 -12.22
C VAL B 10 -7.46 -16.03 -11.77
N GLU B 11 -8.04 -17.22 -11.69
CA GLU B 11 -7.35 -18.40 -11.24
C GLU B 11 -8.15 -19.65 -11.61
N ASN B 12 -7.45 -20.66 -12.13
CA ASN B 12 -8.07 -21.91 -12.55
C ASN B 12 -8.63 -22.76 -11.41
N SER B 13 -7.94 -22.76 -10.27
CA SER B 13 -8.39 -23.56 -9.13
C SER B 13 -9.53 -22.87 -8.40
N TRP B 14 -10.69 -23.51 -8.38
CA TRP B 14 -11.83 -22.91 -7.69
C TRP B 14 -11.56 -22.73 -6.19
N THR B 15 -10.86 -23.68 -5.56
CA THR B 15 -10.57 -23.58 -4.14
C THR B 15 -9.62 -22.43 -3.86
N MSE B 16 -8.63 -22.25 -4.72
CA MSE B 16 -7.66 -21.17 -4.56
C MSE B 16 -8.34 -19.83 -4.84
O MSE B 16 -8.10 -18.84 -4.16
CB MSE B 16 -6.50 -21.37 -5.54
CG MSE B 16 -5.44 -20.26 -5.54
SE MSE B 16 -4.65 -19.85 -3.78
CE MSE B 16 -3.70 -21.55 -3.41
N ARG B 17 -9.21 -19.81 -5.85
CA ARG B 17 -9.94 -18.62 -6.23
C ARG B 17 -10.82 -18.18 -5.06
N GLU B 18 -11.53 -19.13 -4.47
CA GLU B 18 -12.43 -18.87 -3.34
C GLU B 18 -11.66 -18.36 -2.13
N THR B 19 -10.54 -19.01 -1.85
CA THR B 19 -9.70 -18.65 -0.72
C THR B 19 -9.22 -17.21 -0.80
N LEU B 20 -8.70 -16.81 -1.95
CA LEU B 20 -8.23 -15.43 -2.09
C LEU B 20 -9.39 -14.46 -1.97
N ARG B 21 -10.52 -14.80 -2.57
CA ARG B 21 -11.70 -13.93 -2.54
C ARG B 21 -12.14 -13.64 -1.11
N LEU B 22 -12.36 -14.69 -0.32
CA LEU B 22 -12.81 -14.50 1.07
C LEU B 22 -11.77 -13.80 1.92
N LEU B 23 -10.50 -14.12 1.73
CA LEU B 23 -9.44 -13.49 2.52
C LEU B 23 -9.33 -12.00 2.25
N LEU B 24 -9.61 -11.59 1.01
CA LEU B 24 -9.54 -10.19 0.60
C LEU B 24 -10.84 -9.42 0.78
N SER B 25 -11.91 -10.13 1.14
CA SER B 25 -13.23 -9.52 1.31
C SER B 25 -13.32 -8.42 2.35
N GLY B 26 -12.40 -8.41 3.29
CA GLY B 26 -12.41 -7.40 4.34
C GLY B 26 -12.04 -5.99 3.92
N GLU B 27 -11.16 -5.89 2.94
CA GLU B 27 -10.72 -4.56 2.50
C GLU B 27 -10.97 -4.37 1.01
N PHE B 28 -11.31 -5.44 0.31
CA PHE B 28 -11.51 -5.35 -1.12
C PHE B 28 -12.82 -5.93 -1.64
N ASP B 29 -13.36 -5.28 -2.66
CA ASP B 29 -14.58 -5.73 -3.31
C ASP B 29 -14.05 -6.60 -4.45
N CYS B 30 -13.97 -7.90 -4.19
CA CYS B 30 -13.41 -8.84 -5.15
C CYS B 30 -14.33 -9.50 -6.16
N THR B 31 -13.86 -9.59 -7.39
CA THR B 31 -14.57 -10.24 -8.47
C THR B 31 -13.71 -11.47 -8.74
N THR B 32 -14.31 -12.53 -9.27
CA THR B 32 -13.55 -13.75 -9.51
C THR B 32 -13.88 -14.40 -10.86
N ALA B 33 -12.85 -14.92 -11.53
CA ALA B 33 -12.99 -15.58 -12.84
C ALA B 33 -12.11 -16.84 -12.96
N ALA B 34 -12.68 -17.90 -13.54
CA ALA B 34 -11.99 -19.17 -13.70
C ALA B 34 -10.85 -19.18 -14.73
N ASP B 35 -10.86 -18.27 -15.70
CA ASP B 35 -9.78 -18.23 -16.69
C ASP B 35 -9.60 -16.84 -17.27
N GLY B 36 -8.54 -16.66 -18.04
CA GLY B 36 -8.25 -15.35 -18.63
C GLY B 36 -9.35 -14.81 -19.51
N ALA B 37 -9.92 -15.65 -20.37
CA ALA B 37 -10.98 -15.22 -21.27
C ALA B 37 -12.16 -14.63 -20.48
N SER B 38 -12.56 -15.31 -19.43
CA SER B 38 -13.67 -14.87 -18.59
C SER B 38 -13.31 -13.58 -17.85
N GLY B 39 -12.08 -13.51 -17.36
CA GLY B 39 -11.65 -12.32 -16.64
C GLY B 39 -11.63 -11.09 -17.52
N LEU B 40 -11.15 -11.25 -18.75
CA LEU B 40 -11.07 -10.15 -19.69
C LEU B 40 -12.46 -9.61 -20.01
N GLN B 41 -13.41 -10.52 -20.20
CA GLN B 41 -14.79 -10.13 -20.49
C GLN B 41 -15.36 -9.29 -19.35
N GLN B 42 -15.19 -9.79 -18.13
CA GLN B 42 -15.67 -9.10 -16.94
C GLN B 42 -14.94 -7.77 -16.72
N ALA B 43 -13.61 -7.77 -16.90
CA ALA B 43 -12.84 -6.55 -16.71
C ALA B 43 -13.27 -5.43 -17.67
N LEU B 44 -13.43 -5.75 -18.95
CA LEU B 44 -13.85 -4.74 -19.92
C LEU B 44 -15.23 -4.18 -19.58
N ALA B 45 -16.11 -5.05 -19.09
CA ALA B 45 -17.47 -4.65 -18.73
C ALA B 45 -17.45 -3.74 -17.52
N HIS B 46 -16.59 -4.06 -16.55
CA HIS B 46 -16.44 -3.27 -15.35
C HIS B 46 -14.97 -3.34 -14.94
N PRO B 47 -14.16 -2.37 -15.40
CA PRO B 47 -12.73 -2.35 -15.08
C PRO B 47 -12.46 -2.31 -13.59
N PRO B 48 -11.66 -3.27 -13.10
CA PRO B 48 -11.31 -3.33 -11.67
C PRO B 48 -10.18 -2.34 -11.41
N ASP B 49 -9.87 -2.12 -10.14
CA ASP B 49 -8.78 -1.22 -9.77
C ASP B 49 -7.47 -1.98 -9.79
N VAL B 50 -7.54 -3.31 -9.64
CA VAL B 50 -6.35 -4.13 -9.67
C VAL B 50 -6.66 -5.58 -10.01
N LEU B 51 -5.79 -6.18 -10.82
CA LEU B 51 -5.95 -7.55 -11.26
C LEU B 51 -4.95 -8.52 -10.62
N ILE B 52 -5.47 -9.69 -10.22
CA ILE B 52 -4.64 -10.74 -9.64
C ILE B 52 -4.82 -11.91 -10.59
N SER B 53 -3.71 -12.43 -11.10
CA SER B 53 -3.81 -13.52 -12.04
C SER B 53 -2.74 -14.56 -11.88
N ASP B 54 -3.12 -15.79 -12.16
CA ASP B 54 -2.21 -16.91 -12.12
C ASP B 54 -1.44 -16.80 -13.44
N VAL B 55 -0.28 -17.44 -13.53
CA VAL B 55 0.50 -17.36 -14.76
C VAL B 55 0.24 -18.56 -15.66
N ASN B 56 0.63 -19.74 -15.19
CA ASN B 56 0.44 -20.96 -15.97
C ASN B 56 -0.98 -21.45 -15.80
N MSE B 57 -1.81 -21.19 -16.80
CA MSE B 57 -3.20 -21.62 -16.71
C MSE B 57 -3.54 -22.56 -17.86
O MSE B 57 -2.76 -22.77 -18.78
CB MSE B 57 -4.14 -20.40 -16.74
CG MSE B 57 -3.92 -19.35 -15.65
SE MSE B 57 -5.42 -18.13 -15.55
CE MSE B 57 -4.80 -16.84 -16.87
N ASP B 58 -4.74 -23.13 -17.78
CA ASP B 58 -5.19 -24.07 -18.78
C ASP B 58 -5.25 -23.51 -20.19
N GLY B 59 -5.80 -22.32 -20.32
CA GLY B 59 -5.90 -21.71 -21.62
C GLY B 59 -4.97 -20.52 -21.72
N MSE B 60 -5.54 -19.36 -22.00
CA MSE B 60 -4.77 -18.13 -22.12
C MSE B 60 -3.89 -18.03 -20.88
O MSE B 60 -4.38 -18.13 -19.76
CB MSE B 60 -5.74 -16.93 -22.17
CG MSE B 60 -5.08 -15.58 -22.28
SE MSE B 60 -6.37 -14.19 -21.91
CE MSE B 60 -7.60 -14.53 -23.40
N ASP B 61 -2.59 -17.83 -21.08
CA ASP B 61 -1.68 -17.71 -19.95
C ASP B 61 -1.68 -16.29 -19.39
N GLY B 62 -1.10 -16.15 -18.21
CA GLY B 62 -1.02 -14.86 -17.53
C GLY B 62 -0.44 -13.72 -18.35
N TYR B 63 0.68 -13.92 -19.04
CA TYR B 63 1.25 -12.83 -19.83
C TYR B 63 0.33 -12.41 -20.99
N ALA B 64 -0.41 -13.36 -21.55
CA ALA B 64 -1.35 -13.05 -22.63
C ALA B 64 -2.48 -12.19 -22.05
N LEU B 65 -2.97 -12.57 -20.86
CA LEU B 65 -4.04 -11.81 -20.22
C LEU B 65 -3.54 -10.41 -19.95
N CYS B 66 -2.35 -10.33 -19.37
CA CYS B 66 -1.76 -9.04 -19.08
C CYS B 66 -1.57 -8.30 -20.40
N GLY B 67 -1.23 -9.04 -21.45
CA GLY B 67 -1.05 -8.44 -22.77
C GLY B 67 -2.32 -7.76 -23.24
N HIS B 68 -3.47 -8.43 -23.03
CA HIS B 68 -4.75 -7.86 -23.43
C HIS B 68 -5.02 -6.58 -22.63
N PHE B 69 -4.75 -6.63 -21.34
CA PHE B 69 -4.97 -5.48 -20.46
C PHE B 69 -4.20 -4.25 -20.91
N ARG B 70 -2.93 -4.45 -21.22
CA ARG B 70 -2.08 -3.36 -21.67
C ARG B 70 -2.55 -2.84 -23.03
N SER B 71 -3.13 -3.71 -23.83
CA SER B 71 -3.60 -3.30 -25.16
C SER B 71 -4.93 -2.56 -25.13
N GLU B 72 -5.77 -2.86 -24.14
CA GLU B 72 -7.08 -2.21 -24.01
C GLU B 72 -6.99 -0.85 -23.31
N PRO B 73 -7.27 0.23 -24.04
CA PRO B 73 -7.21 1.58 -23.49
C PRO B 73 -7.98 1.77 -22.17
N THR B 74 -8.94 0.89 -21.93
CA THR B 74 -9.75 0.95 -20.72
C THR B 74 -9.13 0.18 -19.55
N LEU B 75 -8.11 -0.63 -19.84
CA LEU B 75 -7.50 -1.43 -18.78
C LEU B 75 -5.99 -1.21 -18.63
N LYS B 76 -5.37 -0.57 -19.63
CA LYS B 76 -3.93 -0.31 -19.64
C LYS B 76 -3.32 0.15 -18.34
N HIS B 77 -4.04 1.00 -17.62
CA HIS B 77 -3.60 1.58 -16.35
C HIS B 77 -3.70 0.66 -15.15
N ILE B 78 -4.54 -0.36 -15.24
CA ILE B 78 -4.73 -1.26 -14.12
C ILE B 78 -3.46 -2.01 -13.73
N PRO B 79 -3.04 -1.88 -12.46
CA PRO B 79 -1.85 -2.57 -11.98
C PRO B 79 -2.18 -4.06 -11.96
N VAL B 80 -1.22 -4.88 -12.33
CA VAL B 80 -1.43 -6.33 -12.37
C VAL B 80 -0.51 -7.06 -11.41
N ILE B 81 -1.06 -8.02 -10.69
CA ILE B 81 -0.28 -8.83 -9.76
C ILE B 81 -0.35 -10.28 -10.25
N PHE B 82 0.82 -10.88 -10.42
CA PHE B 82 0.91 -12.27 -10.86
C PHE B 82 1.14 -13.16 -9.64
N VAL B 83 0.50 -14.32 -9.65
CA VAL B 83 0.64 -15.29 -8.58
C VAL B 83 0.92 -16.61 -9.29
N SER B 84 2.05 -17.25 -8.98
CA SER B 84 2.40 -18.49 -9.64
C SER B 84 3.24 -19.46 -8.79
N GLY B 85 3.38 -20.68 -9.28
CA GLY B 85 4.17 -21.67 -8.58
C GLY B 85 5.63 -21.53 -8.94
N TYR B 86 5.89 -20.82 -10.04
CA TYR B 86 7.27 -20.62 -10.50
C TYR B 86 7.68 -19.16 -10.39
N ALA B 87 8.96 -18.94 -10.15
CA ALA B 87 9.47 -17.58 -10.01
C ALA B 87 9.52 -16.92 -11.39
N PRO B 93 11.52 -9.82 -22.70
CA PRO B 93 11.41 -9.08 -23.95
C PRO B 93 10.81 -7.70 -23.69
N ALA B 94 11.51 -6.66 -24.14
CA ALA B 94 11.04 -5.30 -23.93
C ALA B 94 9.66 -5.02 -24.49
N ASP B 95 9.35 -5.59 -25.65
CA ASP B 95 8.05 -5.35 -26.28
C ASP B 95 6.90 -6.16 -25.68
N GLN B 96 7.21 -7.07 -24.76
CA GLN B 96 6.18 -7.89 -24.13
C GLN B 96 5.72 -7.31 -22.80
N PRO B 97 4.45 -7.57 -22.43
CA PRO B 97 3.89 -7.07 -21.17
C PRO B 97 4.44 -7.78 -19.96
N VAL B 98 4.50 -7.06 -18.85
CA VAL B 98 5.00 -7.62 -17.59
C VAL B 98 4.11 -7.15 -16.44
N PRO B 99 4.04 -7.94 -15.36
CA PRO B 99 3.22 -7.59 -14.20
C PRO B 99 3.89 -6.49 -13.37
N ASP B 100 3.09 -5.82 -12.53
CA ASP B 100 3.59 -4.75 -11.67
C ASP B 100 4.16 -5.37 -10.40
N ALA B 101 3.72 -6.58 -10.09
CA ALA B 101 4.18 -7.32 -8.91
C ALA B 101 4.04 -8.80 -9.23
N TYR B 102 4.85 -9.62 -8.58
CA TYR B 102 4.83 -11.06 -8.85
C TYR B 102 5.10 -11.82 -7.55
N LEU B 103 4.14 -12.63 -7.13
CA LEU B 103 4.29 -13.39 -5.90
C LEU B 103 4.25 -14.89 -6.19
N VAL B 104 5.17 -15.61 -5.57
CA VAL B 104 5.28 -17.05 -5.74
C VAL B 104 4.54 -17.80 -4.63
N LYS B 105 3.62 -18.68 -5.04
CA LYS B 105 2.85 -19.47 -4.08
C LYS B 105 3.79 -20.37 -3.28
N PRO B 106 3.43 -20.69 -2.02
CA PRO B 106 2.21 -20.25 -1.34
C PRO B 106 2.34 -18.80 -0.94
N VAL B 107 1.34 -18.00 -1.28
CA VAL B 107 1.37 -16.58 -0.96
C VAL B 107 0.82 -16.25 0.42
N LYS B 108 1.63 -15.57 1.23
CA LYS B 108 1.20 -15.17 2.58
C LYS B 108 0.12 -14.12 2.38
N PRO B 109 -1.13 -14.41 2.80
CA PRO B 109 -2.20 -13.43 2.64
C PRO B 109 -1.80 -11.99 3.01
N PRO B 110 -1.19 -11.79 4.19
CA PRO B 110 -0.80 -10.44 4.60
C PRO B 110 0.08 -9.74 3.55
N VAL B 111 0.96 -10.50 2.90
CA VAL B 111 1.83 -9.92 1.88
C VAL B 111 1.00 -9.45 0.68
N LEU B 112 0.05 -10.28 0.25
CA LEU B 112 -0.82 -9.95 -0.87
C LEU B 112 -1.57 -8.64 -0.60
N ILE B 113 -2.09 -8.51 0.62
CA ILE B 113 -2.82 -7.30 0.99
C ILE B 113 -1.88 -6.14 0.78
N ALA B 114 -0.69 -6.24 1.35
CA ALA B 114 0.31 -5.19 1.25
C ALA B 114 0.54 -4.82 -0.20
N GLN B 115 0.77 -5.83 -1.04
CA GLN B 115 1.01 -5.58 -2.46
C GLN B 115 -0.13 -4.81 -3.11
N LEU B 116 -1.35 -5.24 -2.82
CA LEU B 116 -2.52 -4.57 -3.38
C LEU B 116 -2.52 -3.08 -3.03
N HIS B 117 -2.40 -2.77 -1.75
CA HIS B 117 -2.39 -1.39 -1.31
C HIS B 117 -1.21 -0.63 -1.89
N ALA B 118 -0.05 -1.26 -1.90
CA ALA B 118 1.13 -0.61 -2.45
C ALA B 118 0.89 -0.23 -3.91
N LEU B 119 0.37 -1.15 -4.71
CA LEU B 119 0.12 -0.86 -6.11
C LEU B 119 -0.96 0.20 -6.26
N LEU B 120 -1.96 0.14 -5.39
CA LEU B 120 -3.06 1.09 -5.42
C LEU B 120 -2.59 2.47 -5.02
N ALA B 121 -1.58 2.53 -4.17
CA ALA B 121 -1.04 3.81 -3.73
C ALA B 121 -0.32 4.46 -4.92
N ARG B 122 0.45 3.66 -5.65
CA ARG B 122 1.19 4.16 -6.80
C ARG B 122 0.21 4.61 -7.89
N ALA B 123 -0.79 3.77 -8.16
CA ALA B 123 -1.78 4.09 -9.17
C ALA B 123 -2.49 5.39 -8.76
N GLU B 124 -2.63 5.57 -7.46
CA GLU B 124 -3.27 6.75 -6.90
C GLU B 124 -2.37 7.97 -7.06
#